data_4HP3
#
_entry.id   4HP3
#
_cell.length_a   69.892
_cell.length_b   39.455
_cell.length_c   54.134
_cell.angle_alpha   90.000
_cell.angle_beta   99.920
_cell.angle_gamma   90.000
#
_symmetry.space_group_name_H-M   'C 1 2 1'
#
loop_
_entity.id
_entity.type
_entity.pdbx_description
1 polymer "DNA (5'-D(*GP*CP*CP*AP*AP*CP*GP*TP*TP*GP*GP*C)-3')"
2 polymer 'LOC100036628 protein'
3 non-polymer 'UNKNOWN ATOM OR ION'
4 non-polymer 'ZINC ION'
5 water water
#
loop_
_entity_poly.entity_id
_entity_poly.type
_entity_poly.pdbx_seq_one_letter_code
_entity_poly.pdbx_strand_id
1 'polydeoxyribonucleotide' (DG)(DC)(DC)(DA)(DA)(DC)(DG)(DT)(DT)(DG)(DG)(DC) A,B
2 'polypeptide(L)' MHHHHHHSSGRENLYFQGSNKKRKRCGVCVPCLRKEPCGACYNCVNRSTSHQICKMRKCEQLKKKRVVPMKG C
#
loop_
_chem_comp.id
_chem_comp.type
_chem_comp.name
_chem_comp.formula
DA DNA linking 2'-DEOXYADENOSINE-5'-MONOPHOSPHATE 'C10 H14 N5 O6 P'
DC DNA linking 2'-DEOXYCYTIDINE-5'-MONOPHOSPHATE 'C9 H14 N3 O7 P'
DG DNA linking 2'-DEOXYGUANOSINE-5'-MONOPHOSPHATE 'C10 H14 N5 O7 P'
DT DNA linking THYMIDINE-5'-MONOPHOSPHATE 'C10 H15 N2 O8 P'
UNX non-polymer 'UNKNOWN ATOM OR ION' ?
ZN non-polymer 'ZINC ION' 'Zn 2'
#
# COMPACT_ATOMS: atom_id res chain seq x y z
N ASN C 20 -17.32 -1.49 -10.38
CA ASN C 20 -16.39 -0.53 -9.74
C ASN C 20 -14.95 -0.71 -10.23
N LYS C 21 -14.10 0.26 -9.87
CA LYS C 21 -12.68 0.27 -10.19
C LYS C 21 -11.86 0.04 -8.93
N LYS C 22 -10.54 0.27 -9.05
CA LYS C 22 -9.61 -0.04 -8.05
C LYS C 22 -9.86 0.90 -6.88
N ARG C 23 -9.65 0.42 -5.69
CA ARG C 23 -9.83 1.26 -4.50
C ARG C 23 -8.70 2.26 -4.38
N LYS C 24 -8.93 3.27 -3.55
CA LYS C 24 -7.95 4.27 -3.30
C LYS C 24 -7.59 4.26 -1.82
N ARG C 25 -6.34 4.62 -1.55
CA ARG C 25 -5.82 4.81 -0.21
C ARG C 25 -6.73 5.69 0.63
N CYS C 26 -6.72 5.50 1.93
CA CYS C 26 -7.69 6.15 2.75
C CYS C 26 -7.17 7.52 3.13
N GLY C 27 -5.85 7.66 3.21
CA GLY C 27 -5.25 8.93 3.50
C GLY C 27 -5.17 9.31 4.98
N VAL C 28 -5.72 8.48 5.88
CA VAL C 28 -5.80 8.84 7.30
C VAL C 28 -5.30 7.79 8.28
N CYS C 29 -4.83 6.65 7.78
CA CYS C 29 -4.22 5.63 8.64
C CYS C 29 -2.73 5.94 8.72
N VAL C 30 -2.04 5.35 9.67
CA VAL C 30 -0.60 5.64 9.83
C VAL C 30 0.18 5.38 8.53
N PRO C 31 0.01 4.21 7.90
CA PRO C 31 0.74 4.01 6.70
C PRO C 31 0.52 5.10 5.64
N CYS C 32 -0.74 5.56 5.52
CA CYS C 32 -1.08 6.61 4.54
C CYS C 32 -0.44 7.94 4.85
N LEU C 33 -0.35 8.28 6.14
CA LEU C 33 0.29 9.49 6.56
C LEU C 33 1.83 9.42 6.50
N ARG C 34 2.42 8.24 6.27
CA ARG C 34 3.89 8.13 6.17
C ARG C 34 4.45 8.96 4.98
N LYS C 35 5.51 9.73 5.24
CA LYS C 35 6.08 10.66 4.27
C LYS C 35 7.09 10.03 3.26
N GLU C 36 7.89 9.06 3.70
CA GLU C 36 8.91 8.42 2.85
C GLU C 36 8.77 6.89 2.84
N PRO C 37 9.23 6.22 1.76
CA PRO C 37 9.37 4.74 1.83
C PRO C 37 10.37 4.33 2.93
N CYS C 38 10.23 3.11 3.46
CA CYS C 38 11.00 2.69 4.63
C CYS C 38 12.41 2.26 4.23
N GLY C 39 12.54 1.79 2.99
CA GLY C 39 13.83 1.49 2.41
C GLY C 39 14.37 0.11 2.73
N ALA C 40 13.66 -0.67 3.55
CA ALA C 40 14.20 -1.94 4.09
C ALA C 40 13.25 -3.18 3.98
N CYS C 41 12.02 -2.97 3.49
CA CYS C 41 11.09 -4.06 3.31
C CYS C 41 11.31 -4.72 1.96
N TYR C 42 10.66 -5.84 1.74
CA TYR C 42 10.84 -6.55 0.49
C TYR C 42 10.57 -5.67 -0.73
N ASN C 43 9.59 -4.79 -0.62
CA ASN C 43 9.08 -3.98 -1.77
C ASN C 43 9.93 -2.79 -2.07
N CYS C 44 10.47 -2.17 -1.04
CA CYS C 44 11.48 -1.14 -1.21
C CYS C 44 12.73 -1.66 -1.92
N VAL C 45 13.31 -2.73 -1.39
CA VAL C 45 14.55 -3.32 -1.97
C VAL C 45 14.35 -3.85 -3.41
N ASN C 46 13.19 -4.44 -3.67
CA ASN C 46 12.86 -5.00 -4.97
C ASN C 46 11.77 -4.21 -5.68
N ARG C 47 11.94 -2.90 -5.78
CA ARG C 47 10.83 -2.05 -6.30
C ARG C 47 10.34 -2.53 -7.72
N SER C 48 11.31 -2.97 -8.54
CA SER C 48 11.07 -3.29 -9.96
C SER C 48 10.18 -4.55 -10.22
N THR C 49 10.45 -5.65 -9.51
CA THR C 49 9.75 -6.95 -9.71
C THR C 49 8.37 -7.06 -8.98
N SER C 50 8.24 -6.38 -7.83
CA SER C 50 7.06 -6.52 -6.96
C SER C 50 5.82 -5.75 -7.46
N HIS C 51 6.06 -4.51 -7.97
CA HIS C 51 4.99 -3.50 -8.28
C HIS C 51 4.21 -3.11 -7.07
N GLN C 52 4.78 -3.23 -5.87
CA GLN C 52 4.00 -3.01 -4.67
C GLN C 52 4.51 -1.80 -3.86
N ILE C 53 3.58 -1.14 -3.18
CA ILE C 53 3.98 -0.02 -2.32
C ILE C 53 4.76 -0.57 -1.11
N CYS C 54 5.64 0.25 -0.59
CA CYS C 54 6.33 -0.04 0.69
C CYS C 54 5.34 -0.62 1.71
N LYS C 55 5.77 -1.67 2.42
CA LYS C 55 4.89 -2.40 3.33
C LYS C 55 4.51 -1.49 4.51
N MET C 56 5.32 -0.48 4.78
CA MET C 56 5.04 0.48 5.85
C MET C 56 4.09 1.61 5.38
N ARG C 57 3.83 1.66 4.06
CA ARG C 57 2.97 2.68 3.44
C ARG C 57 1.64 2.14 3.00
N LYS C 58 1.50 0.81 3.00
CA LYS C 58 0.27 0.18 2.55
C LYS C 58 -0.86 0.54 3.49
N CYS C 59 -1.96 0.98 2.87
CA CYS C 59 -3.16 1.47 3.56
C CYS C 59 -3.82 0.36 4.30
N GLU C 60 -4.09 0.62 5.55
CA GLU C 60 -4.74 -0.36 6.40
C GLU C 60 -6.06 -0.81 5.82
N GLN C 61 -6.76 0.09 5.09
CA GLN C 61 -8.06 -0.24 4.50
C GLN C 61 -7.93 -1.17 3.28
N LEU C 62 -6.82 -1.05 2.57
CA LEU C 62 -6.61 -1.76 1.33
C LEU C 62 -6.06 -3.14 1.55
N LYS C 63 -5.62 -3.40 2.77
CA LYS C 63 -5.18 -4.73 3.16
C LYS C 63 -6.39 -5.65 3.36
N LYS C 64 -7.58 -5.05 3.48
CA LYS C 64 -8.82 -5.80 3.56
C LYS C 64 -9.29 -6.13 2.12
N LYS C 65 -9.79 -7.35 1.90
CA LYS C 65 -10.23 -7.80 0.55
C LYS C 65 -11.53 -7.10 0.15
N ARG C 66 -11.74 -6.93 -1.16
CA ARG C 66 -12.83 -6.08 -1.69
C ARG C 66 -14.21 -6.58 -1.29
N VAL C 67 -15.11 -5.63 -0.98
CA VAL C 67 -16.50 -5.95 -0.72
C VAL C 67 -17.16 -6.50 -2.00
N VAL C 68 -16.75 -5.98 -3.17
CA VAL C 68 -17.20 -6.52 -4.47
C VAL C 68 -16.02 -6.60 -5.46
N PRO C 69 -15.94 -7.69 -6.27
CA PRO C 69 -14.93 -7.73 -7.36
C PRO C 69 -15.13 -6.63 -8.43
N MET C 70 -14.23 -6.59 -9.41
CA MET C 70 -14.22 -5.50 -10.41
C MET C 70 -15.35 -5.65 -11.42
UNK UNX D . -4.02 -11.81 -2.04
UNK UNX E . -4.26 6.09 -20.30
ZN ZN F . -4.91 4.35 4.67
ZN ZN G . 9.50 -0.29 2.62
UNK UNX H . 3.50 2.44 8.94
#